data_8R3N
#
_entry.id   8R3N
#
_cell.length_a   41.990
_cell.length_b   78.710
_cell.length_c   103.090
_cell.angle_alpha   90.00
_cell.angle_beta   90.00
_cell.angle_gamma   90.00
#
_symmetry.space_group_name_H-M   'P 21 21 21'
#
loop_
_entity.id
_entity.type
_entity.pdbx_description
1 polymer 'Protease PfpI'
2 water water
#
_entity_poly.entity_id   1
_entity_poly.type   'polypeptide(L)'
_entity_poly.pdbx_seq_one_letter_code
;MTQSLHGKVVAALVTDGFEQVELTGPKKALEDAGATVRILSDKAGEVRGWNHHQPAEAFRVDGTFEDASLDDYDALLLPG
GVINSDQIRSLAKAQELAIRAEQASKPVAVICHGAWLLISAGLVQGRTLTSWPSLKDDINNAGGHWVDQEVAVDGKLVSS
RKPEDIPAFNRRFIEILAG
;
_entity_poly.pdbx_strand_id   B,X
#
# COMPACT_ATOMS: atom_id res chain seq x y z
N THR A 2 -6.67 -13.38 35.59
CA THR A 2 -6.02 -13.17 34.31
C THR A 2 -4.74 -12.33 34.44
N GLN A 3 -4.14 -12.04 33.29
CA GLN A 3 -2.81 -11.44 33.25
C GLN A 3 -2.89 -9.94 33.51
N SER A 4 -2.11 -9.46 34.48
CA SER A 4 -1.99 -8.03 34.70
C SER A 4 -0.80 -7.50 33.91
N LEU A 5 -1.02 -6.40 33.21
CA LEU A 5 0.04 -5.63 32.55
C LEU A 5 0.33 -4.32 33.28
N HIS A 6 -0.06 -4.23 34.55
CA HIS A 6 0.15 -2.99 35.31
C HIS A 6 1.63 -2.61 35.27
N GLY A 7 1.90 -1.32 35.00
CA GLY A 7 3.24 -0.80 34.86
C GLY A 7 3.78 -0.79 33.44
N LYS A 8 3.15 -1.51 32.52
CA LYS A 8 3.59 -1.50 31.15
C LYS A 8 2.98 -0.32 30.41
N VAL A 9 3.69 0.15 29.39
CA VAL A 9 3.29 1.28 28.57
C VAL A 9 3.52 0.93 27.10
N VAL A 10 2.50 1.13 26.29
CA VAL A 10 2.57 0.79 24.89
C VAL A 10 2.41 2.06 24.06
N ALA A 11 3.27 2.23 23.07
CA ALA A 11 3.15 3.32 22.10
C ALA A 11 2.48 2.76 20.86
N ALA A 12 1.34 3.34 20.50
CA ALA A 12 0.72 3.10 19.20
C ALA A 12 1.23 4.15 18.23
N LEU A 13 1.78 3.73 17.09
CA LEU A 13 2.30 4.67 16.09
C LEU A 13 1.30 4.76 14.95
N VAL A 14 0.70 5.93 14.74
CA VAL A 14 -0.34 6.06 13.72
C VAL A 14 -0.17 7.41 13.03
N THR A 15 -0.63 7.48 11.79
CA THR A 15 -0.79 8.73 11.04
C THR A 15 -2.24 8.82 10.60
N ASP A 16 -2.63 9.95 10.01
CA ASP A 16 -4.02 10.07 9.54
C ASP A 16 -4.34 8.93 8.58
N GLY A 17 -5.52 8.34 8.75
CA GLY A 17 -5.95 7.26 7.89
C GLY A 17 -5.70 5.88 8.44
N PHE A 18 -5.44 5.76 9.74
CA PHE A 18 -5.29 4.45 10.36
C PHE A 18 -6.66 3.82 10.57
N GLU A 19 -6.68 2.50 10.59
CA GLU A 19 -7.90 1.76 10.84
C GLU A 19 -8.27 1.93 12.31
N GLN A 20 -9.38 2.62 12.57
CA GLN A 20 -9.69 3.03 13.95
C GLN A 20 -9.75 1.85 14.92
N VAL A 21 -10.46 0.78 14.57
CA VAL A 21 -10.63 -0.35 15.49
C VAL A 21 -9.31 -1.06 15.77
N GLU A 22 -8.36 -1.01 14.82
CA GLU A 22 -7.05 -1.59 15.05
C GLU A 22 -6.22 -0.79 16.04
N LEU A 23 -6.64 0.44 16.35
CA LEU A 23 -6.11 1.14 17.52
C LEU A 23 -7.01 0.89 18.73
N THR A 24 -8.31 1.19 18.61
CA THR A 24 -9.16 1.21 19.79
C THR A 24 -9.37 -0.17 20.41
N GLY A 25 -9.49 -1.22 19.59
CA GLY A 25 -9.68 -2.56 20.09
C GLY A 25 -8.53 -3.02 20.96
N PRO A 26 -7.31 -3.03 20.40
CA PRO A 26 -6.14 -3.36 21.23
C PRO A 26 -5.93 -2.41 22.40
N LYS A 27 -6.16 -1.10 22.21
CA LYS A 27 -5.96 -0.15 23.29
C LYS A 27 -6.85 -0.47 24.48
N LYS A 28 -8.13 -0.75 24.23
CA LYS A 28 -9.01 -1.11 25.34
C LYS A 28 -8.53 -2.38 26.03
N ALA A 29 -8.12 -3.39 25.25
CA ALA A 29 -7.70 -4.65 25.85
C ALA A 29 -6.47 -4.46 26.74
N LEU A 30 -5.47 -3.73 26.24
CA LEU A 30 -4.28 -3.46 27.03
C LEU A 30 -4.64 -2.67 28.28
N GLU A 31 -5.56 -1.71 28.16
CA GLU A 31 -5.94 -0.88 29.30
C GLU A 31 -6.71 -1.67 30.34
N ASP A 32 -7.64 -2.51 29.89
CA ASP A 32 -8.31 -3.44 30.79
C ASP A 32 -7.31 -4.31 31.53
N ALA A 33 -6.19 -4.65 30.89
CA ALA A 33 -5.17 -5.47 31.52
C ALA A 33 -4.28 -4.68 32.48
N GLY A 34 -4.47 -3.36 32.57
CA GLY A 34 -3.69 -2.52 33.46
C GLY A 34 -2.60 -1.70 32.79
N ALA A 35 -2.38 -1.88 31.49
CA ALA A 35 -1.34 -1.16 30.78
C ALA A 35 -1.82 0.23 30.38
N THR A 36 -0.84 1.05 29.97
CA THR A 36 -1.07 2.41 29.51
C THR A 36 -0.75 2.47 28.02
N VAL A 37 -1.60 3.13 27.24
CA VAL A 37 -1.42 3.20 25.79
C VAL A 37 -1.30 4.66 25.38
N ARG A 38 -0.19 4.99 24.74
CA ARG A 38 0.07 6.34 24.25
C ARG A 38 -0.07 6.35 22.73
N ILE A 39 -0.73 7.37 22.22
CA ILE A 39 -0.94 7.53 20.79
C ILE A 39 0.12 8.50 20.29
N LEU A 40 1.03 8.00 19.45
CA LEU A 40 2.10 8.80 18.88
C LEU A 40 1.87 8.98 17.40
N SER A 41 2.08 10.20 16.91
N SER A 41 2.07 10.20 16.91
CA SER A 41 1.86 10.49 15.50
CA SER A 41 1.85 10.53 15.51
C SER A 41 3.03 11.32 14.97
C SER A 41 3.04 11.31 14.97
N ASP A 42 2.98 11.66 13.69
CA ASP A 42 4.03 12.46 13.10
C ASP A 42 3.86 13.95 13.41
N LYS A 43 2.64 14.30 13.79
CA LYS A 43 2.32 15.70 14.06
C LYS A 43 1.50 15.80 15.34
N ALA A 44 1.73 16.88 16.07
CA ALA A 44 0.96 17.12 17.31
C ALA A 44 -0.50 17.45 17.03
N GLY A 45 -1.29 17.37 18.09
CA GLY A 45 -2.71 17.72 17.99
C GLY A 45 -3.58 16.50 17.96
N GLU A 46 -4.18 16.26 16.80
CA GLU A 46 -5.09 15.13 16.66
C GLU A 46 -4.72 14.28 15.46
N VAL A 47 -5.04 13.00 15.55
CA VAL A 47 -4.78 12.04 14.44
C VAL A 47 -6.12 11.46 14.07
N ARG A 48 -6.38 11.35 12.77
CA ARG A 48 -7.71 10.98 12.30
C ARG A 48 -7.78 9.47 12.05
N GLY A 49 -8.59 8.78 12.82
CA GLY A 49 -8.89 7.42 12.51
C GLY A 49 -9.88 7.32 11.37
N TRP A 50 -9.87 6.16 10.70
CA TRP A 50 -10.75 5.90 9.58
C TRP A 50 -11.46 4.58 9.83
N ASN A 51 -12.69 4.48 9.33
CA ASN A 51 -13.44 3.23 9.36
C ASN A 51 -13.50 2.75 7.93
N HIS A 52 -12.68 1.74 7.63
CA HIS A 52 -12.48 1.28 6.25
C HIS A 52 -12.12 2.47 5.37
N HIS A 53 -13.02 2.86 4.47
CA HIS A 53 -12.73 3.91 3.50
C HIS A 53 -13.40 5.25 3.82
N GLN A 54 -13.66 5.54 5.09
CA GLN A 54 -14.24 6.82 5.49
C GLN A 54 -13.47 7.32 6.70
N PRO A 55 -13.08 8.58 6.74
CA PRO A 55 -12.47 9.11 7.94
C PRO A 55 -13.49 9.09 9.05
N ALA A 56 -13.01 8.87 10.28
CA ALA A 56 -13.92 8.72 11.41
C ALA A 56 -13.51 9.66 12.53
N GLU A 57 -13.27 9.15 13.73
CA GLU A 57 -13.05 10.01 14.88
C GLU A 57 -11.59 10.45 14.99
N ALA A 58 -11.40 11.58 15.67
CA ALA A 58 -10.10 12.17 15.94
C ALA A 58 -9.59 11.73 17.31
N PHE A 59 -8.29 11.55 17.41
CA PHE A 59 -7.68 11.06 18.65
C PHE A 59 -6.54 11.98 19.08
N ARG A 60 -6.45 12.24 20.37
CA ARG A 60 -5.40 13.12 20.84
C ARG A 60 -4.03 12.46 20.67
N VAL A 61 -3.09 13.22 20.13
CA VAL A 61 -1.71 12.77 19.98
C VAL A 61 -0.98 13.05 21.30
N ASP A 62 -0.42 12.01 21.90
CA ASP A 62 0.31 12.17 23.16
C ASP A 62 1.74 12.65 22.93
N GLY A 63 2.28 12.48 21.74
CA GLY A 63 3.65 12.82 21.46
C GLY A 63 3.94 12.54 20.00
N THR A 64 4.99 13.18 19.50
CA THR A 64 5.39 12.99 18.11
C THR A 64 6.53 12.00 18.00
N PHE A 65 6.64 11.36 16.83
CA PHE A 65 7.77 10.48 16.56
C PHE A 65 9.08 11.21 16.79
N GLU A 66 9.13 12.49 16.41
CA GLU A 66 10.35 13.27 16.53
C GLU A 66 10.81 13.36 17.98
N ASP A 67 9.87 13.50 18.92
CA ASP A 67 10.17 13.68 20.33
C ASP A 67 10.25 12.39 21.12
N ALA A 68 9.85 11.26 20.55
CA ALA A 68 9.63 10.05 21.34
C ALA A 68 10.92 9.30 21.61
N SER A 69 11.01 8.73 22.80
CA SER A 69 12.08 7.81 23.14
C SER A 69 11.50 6.45 23.47
N LEU A 70 12.11 5.39 22.94
CA LEU A 70 11.66 4.06 23.29
C LEU A 70 11.97 3.70 24.73
N ASP A 71 12.86 4.44 25.38
CA ASP A 71 13.10 4.19 26.79
C ASP A 71 11.81 4.16 27.58
N ASP A 72 10.81 4.93 27.16
CA ASP A 72 9.56 5.07 27.90
C ASP A 72 8.46 4.12 27.47
N TYR A 73 8.76 3.16 26.58
CA TYR A 73 7.74 2.23 26.10
C TYR A 73 8.25 0.80 26.11
N ASP A 74 7.41 -0.10 26.57
CA ASP A 74 7.75 -1.52 26.56
C ASP A 74 7.45 -2.19 25.23
N ALA A 75 6.64 -1.58 24.39
CA ALA A 75 6.26 -2.22 23.14
C ALA A 75 5.67 -1.18 22.21
N LEU A 76 5.58 -1.56 20.94
CA LEU A 76 4.94 -0.77 19.91
C LEU A 76 3.70 -1.49 19.43
N LEU A 77 2.65 -0.72 19.15
CA LEU A 77 1.46 -1.21 18.48
C LEU A 77 1.37 -0.48 17.16
N LEU A 78 1.24 -1.22 16.05
CA LEU A 78 1.21 -0.66 14.70
C LEU A 78 -0.14 -0.99 14.07
N PRO A 79 -1.17 -0.19 14.34
CA PRO A 79 -2.45 -0.40 13.66
C PRO A 79 -2.27 -0.23 12.16
N GLY A 80 -3.21 -0.79 11.41
CA GLY A 80 -3.13 -0.68 9.98
C GLY A 80 -3.91 0.48 9.39
N GLY A 81 -4.61 0.21 8.31
CA GLY A 81 -5.20 1.22 7.45
C GLY A 81 -4.30 1.46 6.25
N VAL A 82 -4.82 1.23 5.03
CA VAL A 82 -3.97 1.35 3.86
C VAL A 82 -3.37 2.76 3.72
N ILE A 83 -4.17 3.79 4.02
CA ILE A 83 -3.66 5.16 3.91
C ILE A 83 -2.57 5.42 4.95
N ASN A 84 -2.84 5.11 6.21
CA ASN A 84 -1.84 5.32 7.26
C ASN A 84 -0.59 4.49 7.00
N SER A 85 -0.77 3.20 6.76
CA SER A 85 0.39 2.30 6.66
C SER A 85 1.31 2.71 5.52
N ASP A 86 0.74 3.22 4.43
CA ASP A 86 1.52 3.68 3.29
C ASP A 86 2.29 4.96 3.61
N GLN A 87 1.67 5.87 4.37
CA GLN A 87 2.30 7.12 4.76
C GLN A 87 3.43 6.86 5.77
N ILE A 88 3.11 6.09 6.83
CA ILE A 88 4.01 5.99 7.99
C ILE A 88 5.31 5.25 7.64
N ARG A 89 5.28 4.39 6.60
CA ARG A 89 6.43 3.53 6.34
C ARG A 89 7.68 4.34 5.95
N SER A 90 7.51 5.54 5.41
CA SER A 90 8.62 6.33 4.92
C SER A 90 9.23 7.25 5.97
N LEU A 91 8.58 7.39 7.12
CA LEU A 91 9.02 8.34 8.14
C LEU A 91 10.17 7.73 8.93
N ALA A 92 11.36 8.33 8.81
CA ALA A 92 12.55 7.76 9.43
C ALA A 92 12.39 7.65 10.94
N LYS A 93 11.72 8.63 11.56
CA LYS A 93 11.56 8.59 13.01
C LYS A 93 10.67 7.45 13.45
N ALA A 94 9.67 7.09 12.64
CA ALA A 94 8.88 5.90 12.94
C ALA A 94 9.69 4.63 12.73
N GLN A 95 10.49 4.58 11.66
CA GLN A 95 11.38 3.45 11.44
C GLN A 95 12.36 3.31 12.59
N GLU A 96 12.94 4.42 13.04
CA GLU A 96 13.87 4.38 14.15
C GLU A 96 13.25 3.77 15.39
N LEU A 97 12.02 4.17 15.71
CA LEU A 97 11.37 3.64 16.90
C LEU A 97 11.22 2.14 16.80
N ALA A 98 10.89 1.65 15.61
CA ALA A 98 10.73 0.22 15.42
C ALA A 98 12.08 -0.50 15.46
N ILE A 99 13.14 0.11 14.91
CA ILE A 99 14.45 -0.51 14.96
C ILE A 99 14.94 -0.58 16.39
N ARG A 100 14.79 0.51 17.14
CA ARG A 100 15.14 0.49 18.56
C ARG A 100 14.39 -0.62 19.28
N ALA A 101 13.13 -0.87 18.90
CA ALA A 101 12.38 -1.95 19.53
C ALA A 101 13.02 -3.30 19.27
N GLU A 102 13.39 -3.55 18.02
CA GLU A 102 14.11 -4.76 17.68
C GLU A 102 15.41 -4.88 18.46
N GLN A 103 16.17 -3.79 18.55
CA GLN A 103 17.47 -3.86 19.20
C GLN A 103 17.32 -4.11 20.69
N ALA A 104 16.29 -3.56 21.31
CA ALA A 104 16.05 -3.70 22.74
C ALA A 104 15.17 -4.90 23.08
N SER A 105 14.87 -5.77 22.11
N SER A 105 14.87 -5.76 22.10
CA SER A 105 14.08 -6.98 22.34
CA SER A 105 14.08 -6.97 22.34
C SER A 105 12.72 -6.65 22.97
C SER A 105 12.72 -6.66 22.94
N LYS A 106 12.05 -5.64 22.41
CA LYS A 106 10.73 -5.22 22.86
C LYS A 106 9.66 -5.67 21.87
N PRO A 107 8.49 -6.08 22.37
CA PRO A 107 7.42 -6.54 21.46
C PRO A 107 6.98 -5.47 20.47
N VAL A 108 6.59 -5.93 19.29
CA VAL A 108 5.95 -5.09 18.28
C VAL A 108 4.73 -5.86 17.82
N ALA A 109 3.55 -5.26 17.97
CA ALA A 109 2.31 -5.88 17.49
C ALA A 109 1.80 -5.10 16.30
N VAL A 110 1.58 -5.79 15.18
CA VAL A 110 1.28 -5.16 13.91
C VAL A 110 0.07 -5.88 13.29
N ILE A 111 -0.76 -5.15 12.56
CA ILE A 111 -2.00 -5.76 12.06
C ILE A 111 -2.36 -5.19 10.69
N CYS A 112 -2.92 -6.08 9.84
CA CYS A 112 -3.45 -5.70 8.54
C CYS A 112 -2.40 -5.14 7.58
N HIS A 113 -2.43 -3.84 7.31
CA HIS A 113 -1.46 -3.23 6.41
C HIS A 113 -0.24 -2.69 7.15
N GLY A 114 -0.20 -2.80 8.48
CA GLY A 114 0.77 -2.05 9.25
C GLY A 114 2.21 -2.50 9.11
N ALA A 115 2.47 -3.65 8.46
CA ALA A 115 3.84 -4.14 8.42
C ALA A 115 4.69 -3.43 7.36
N TRP A 116 4.09 -2.55 6.57
CA TRP A 116 4.90 -1.84 5.58
C TRP A 116 6.04 -1.08 6.25
N LEU A 117 5.78 -0.53 7.45
CA LEU A 117 6.81 0.21 8.16
C LEU A 117 7.96 -0.72 8.57
N LEU A 118 7.65 -1.93 9.01
CA LEU A 118 8.71 -2.87 9.33
C LEU A 118 9.51 -3.25 8.09
N ILE A 119 8.86 -3.35 6.93
CA ILE A 119 9.59 -3.64 5.70
C ILE A 119 10.58 -2.52 5.40
N SER A 120 10.09 -1.28 5.42
CA SER A 120 10.95 -0.14 5.11
C SER A 120 12.02 0.08 6.15
N ALA A 121 11.82 -0.37 7.39
CA ALA A 121 12.84 -0.25 8.42
C ALA A 121 13.84 -1.39 8.37
N GLY A 122 13.67 -2.33 7.43
CA GLY A 122 14.57 -3.46 7.33
C GLY A 122 14.36 -4.53 8.38
N LEU A 123 13.17 -4.58 8.96
CA LEU A 123 12.95 -5.40 10.14
C LEU A 123 12.22 -6.69 9.86
N VAL A 124 11.75 -6.93 8.63
CA VAL A 124 11.05 -8.19 8.37
C VAL A 124 11.99 -9.28 7.86
N GLN A 125 13.25 -8.96 7.63
CA GLN A 125 14.19 -9.93 7.12
C GLN A 125 14.33 -11.11 8.08
N GLY A 126 14.15 -12.32 7.56
CA GLY A 126 14.21 -13.52 8.36
C GLY A 126 13.11 -13.67 9.37
N ARG A 127 12.08 -12.84 9.34
CA ARG A 127 11.01 -12.91 10.32
C ARG A 127 9.79 -13.62 9.72
N THR A 128 9.04 -14.29 10.59
CA THR A 128 7.76 -14.86 10.21
C THR A 128 6.66 -13.94 10.71
N LEU A 129 5.74 -13.58 9.80
CA LEU A 129 4.63 -12.73 10.18
C LEU A 129 3.50 -12.90 9.17
N THR A 130 2.31 -12.49 9.60
CA THR A 130 1.14 -12.41 8.76
C THR A 130 0.79 -10.94 8.60
N SER A 131 -0.29 -10.70 7.86
CA SER A 131 -0.71 -9.37 7.45
C SER A 131 -1.96 -9.53 6.61
N TRP A 132 -2.55 -8.40 6.24
CA TRP A 132 -3.56 -8.43 5.20
C TRP A 132 -2.92 -9.04 3.96
N PRO A 133 -3.59 -9.94 3.25
CA PRO A 133 -2.93 -10.68 2.16
C PRO A 133 -2.30 -9.81 1.08
N SER A 134 -2.72 -8.56 0.93
CA SER A 134 -2.18 -7.72 -0.13
C SER A 134 -0.70 -7.44 0.07
N LEU A 135 -0.19 -7.55 1.30
CA LEU A 135 1.22 -7.31 1.59
C LEU A 135 2.07 -8.57 1.46
N LYS A 136 1.45 -9.73 1.21
CA LYS A 136 2.17 -11.00 1.13
C LYS A 136 3.43 -10.89 0.30
N ASP A 137 3.32 -10.35 -0.91
CA ASP A 137 4.45 -10.30 -1.82
C ASP A 137 5.53 -9.33 -1.32
N ASP A 138 5.11 -8.20 -0.75
CA ASP A 138 6.08 -7.25 -0.20
C ASP A 138 6.85 -7.86 0.97
N ILE A 139 6.16 -8.59 1.85
CA ILE A 139 6.82 -9.22 3.00
C ILE A 139 7.79 -10.30 2.53
N ASN A 140 7.35 -11.16 1.59
CA ASN A 140 8.25 -12.19 1.09
C ASN A 140 9.41 -11.58 0.31
N ASN A 141 9.15 -10.54 -0.50
CA ASN A 141 10.23 -9.97 -1.30
C ASN A 141 11.28 -9.31 -0.42
N ALA A 142 10.87 -8.87 0.76
CA ALA A 142 11.78 -8.24 1.71
C ALA A 142 12.48 -9.25 2.59
N GLY A 143 12.43 -10.54 2.25
CA GLY A 143 13.12 -11.56 3.01
C GLY A 143 12.33 -12.11 4.16
N GLY A 144 11.09 -11.69 4.36
CA GLY A 144 10.25 -12.29 5.36
C GLY A 144 9.68 -13.62 4.89
N HIS A 145 9.07 -14.32 5.85
CA HIS A 145 8.34 -15.55 5.58
C HIS A 145 6.89 -15.21 5.90
N TRP A 146 6.08 -14.97 4.87
CA TRP A 146 4.68 -14.65 5.10
C TRP A 146 3.87 -15.91 5.40
N VAL A 147 3.06 -15.85 6.47
CA VAL A 147 2.18 -16.95 6.82
C VAL A 147 0.76 -16.43 6.93
N ASP A 148 -0.20 -17.34 6.82
CA ASP A 148 -1.63 -17.04 6.94
C ASP A 148 -2.11 -17.57 8.29
N GLN A 149 -2.01 -16.72 9.32
CA GLN A 149 -2.48 -17.11 10.65
C GLN A 149 -3.31 -15.99 11.26
N GLU A 150 -4.23 -16.37 12.16
CA GLU A 150 -4.99 -15.37 12.89
C GLU A 150 -4.07 -14.47 13.71
N VAL A 151 -3.11 -15.09 14.40
CA VAL A 151 -2.03 -14.38 15.10
C VAL A 151 -0.75 -15.17 14.91
N ALA A 152 0.22 -14.59 14.23
CA ALA A 152 1.55 -15.18 14.12
C ALA A 152 2.46 -14.52 15.14
N VAL A 153 3.44 -15.28 15.61
CA VAL A 153 4.42 -14.82 16.57
C VAL A 153 5.79 -15.29 16.14
N ASP A 154 6.75 -14.37 16.12
CA ASP A 154 8.14 -14.70 15.86
C ASP A 154 8.95 -13.94 16.90
N GLY A 155 9.30 -14.63 17.97
CA GLY A 155 9.90 -13.96 19.10
C GLY A 155 8.91 -13.03 19.76
N LYS A 156 9.18 -11.72 19.71
CA LYS A 156 8.25 -10.74 20.24
C LYS A 156 7.51 -9.96 19.15
N LEU A 157 7.60 -10.41 17.90
CA LEU A 157 6.85 -9.82 16.80
C LEU A 157 5.51 -10.55 16.70
N VAL A 158 4.42 -9.83 16.98
CA VAL A 158 3.07 -10.40 17.00
C VAL A 158 2.30 -9.76 15.86
N SER A 159 1.72 -10.59 14.97
CA SER A 159 1.10 -10.04 13.77
C SER A 159 -0.25 -10.71 13.48
N SER A 160 -1.19 -9.90 12.99
CA SER A 160 -2.53 -10.38 12.64
C SER A 160 -2.88 -9.81 11.27
N ARG A 161 -4.00 -10.25 10.72
CA ARG A 161 -4.33 -9.95 9.34
C ARG A 161 -5.41 -8.91 9.13
N LYS A 162 -6.36 -8.79 10.06
CA LYS A 162 -7.60 -8.07 9.75
C LYS A 162 -8.33 -7.81 11.07
N PRO A 163 -9.32 -6.90 11.06
CA PRO A 163 -10.03 -6.58 12.30
C PRO A 163 -10.67 -7.77 13.00
N GLU A 164 -11.16 -8.78 12.26
CA GLU A 164 -11.74 -9.94 12.94
C GLU A 164 -10.71 -10.71 13.78
N ASP A 165 -9.42 -10.57 13.48
CA ASP A 165 -8.37 -11.19 14.28
C ASP A 165 -8.10 -10.48 15.60
N ILE A 166 -8.69 -9.29 15.83
CA ILE A 166 -8.30 -8.47 16.98
C ILE A 166 -8.42 -9.18 18.32
N PRO A 167 -9.54 -9.83 18.66
CA PRO A 167 -9.58 -10.51 19.97
C PRO A 167 -8.39 -11.44 20.20
N ALA A 168 -8.04 -12.24 19.21
CA ALA A 168 -6.91 -13.15 19.35
C ALA A 168 -5.59 -12.39 19.35
N PHE A 169 -5.51 -11.35 18.52
CA PHE A 169 -4.36 -10.45 18.50
C PHE A 169 -4.14 -9.84 19.88
N ASN A 170 -5.21 -9.32 20.49
CA ASN A 170 -5.11 -8.75 21.83
C ASN A 170 -4.61 -9.80 22.84
N ARG A 171 -5.21 -10.99 22.81
CA ARG A 171 -4.85 -12.00 23.81
C ARG A 171 -3.39 -12.40 23.68
N ARG A 172 -2.89 -12.52 22.44
CA ARG A 172 -1.51 -12.91 22.22
C ARG A 172 -0.57 -11.80 22.62
N PHE A 173 -0.88 -10.57 22.24
CA PHE A 173 -0.06 -9.42 22.63
C PHE A 173 0.10 -9.35 24.14
N ILE A 174 -0.99 -9.52 24.87
CA ILE A 174 -0.92 -9.46 26.34
C ILE A 174 0.06 -10.51 26.85
N GLU A 175 0.00 -11.72 26.31
CA GLU A 175 0.89 -12.80 26.73
C GLU A 175 2.35 -12.45 26.45
N ILE A 176 2.63 -11.97 25.24
CA ILE A 176 3.99 -11.64 24.85
C ILE A 176 4.51 -10.47 25.68
N LEU A 177 3.65 -9.48 25.95
CA LEU A 177 4.07 -8.31 26.73
C LEU A 177 4.45 -8.70 28.14
N ALA A 178 3.68 -9.60 28.76
CA ALA A 178 3.98 -10.04 30.12
C ALA A 178 5.29 -10.81 30.18
N GLY A 179 5.53 -11.71 29.22
N GLY A 179 5.52 -11.72 29.23
CA GLY A 179 6.74 -12.52 29.21
CA GLY A 179 6.70 -12.56 29.23
C GLY A 179 6.78 -13.59 30.28
C GLY A 179 6.71 -13.60 30.34
N THR B 2 1.53 16.72 -35.04
CA THR B 2 1.09 16.11 -33.78
C THR B 2 0.81 14.63 -33.98
N GLN B 3 1.37 13.81 -33.11
CA GLN B 3 1.30 12.36 -33.26
C GLN B 3 -0.15 11.90 -33.20
N SER B 4 -0.56 11.12 -34.19
CA SER B 4 -1.89 10.52 -34.18
C SER B 4 -1.83 9.11 -33.58
N LEU B 5 -2.76 8.81 -32.68
CA LEU B 5 -2.95 7.45 -32.21
C LEU B 5 -4.24 6.84 -32.76
N HIS B 6 -4.74 7.33 -33.89
CA HIS B 6 -5.98 6.77 -34.40
C HIS B 6 -5.83 5.28 -34.59
N GLY B 7 -6.85 4.53 -34.18
CA GLY B 7 -6.86 3.10 -34.31
C GLY B 7 -6.30 2.37 -33.12
N LYS B 8 -5.68 3.13 -32.20
CA LYS B 8 -5.12 2.50 -30.96
C LYS B 8 -6.18 2.42 -29.87
N VAL B 9 -6.16 1.31 -29.16
CA VAL B 9 -7.09 1.10 -28.01
C VAL B 9 -6.24 0.81 -26.78
N VAL B 10 -6.48 1.55 -25.72
CA VAL B 10 -5.77 1.33 -24.43
C VAL B 10 -6.79 0.84 -23.40
N ALA B 11 -6.38 -0.13 -22.60
CA ALA B 11 -7.23 -0.62 -21.48
C ALA B 11 -6.75 -0.02 -20.15
N ALA B 12 -7.63 0.71 -19.47
CA ALA B 12 -7.30 1.21 -18.12
C ALA B 12 -7.83 0.22 -17.10
N LEU B 13 -6.93 -0.24 -16.23
CA LEU B 13 -7.29 -1.25 -15.25
C LEU B 13 -7.47 -0.56 -13.91
N VAL B 14 -8.70 -0.57 -13.38
CA VAL B 14 -9.00 0.14 -12.15
C VAL B 14 -10.01 -0.64 -11.33
N THR B 15 -9.88 -0.51 -10.01
CA THR B 15 -10.89 -0.87 -9.04
C THR B 15 -11.24 0.38 -8.22
N ASP B 16 -12.31 0.28 -7.43
CA ASP B 16 -12.73 1.42 -6.63
C ASP B 16 -11.56 1.96 -5.83
N GLY B 17 -11.50 3.28 -5.72
CA GLY B 17 -10.39 3.95 -5.04
C GLY B 17 -9.24 4.32 -5.93
N PHE B 18 -9.43 4.37 -7.24
CA PHE B 18 -8.36 4.80 -8.13
C PHE B 18 -8.25 6.33 -8.15
N GLU B 19 -7.04 6.82 -8.34
CA GLU B 19 -6.80 8.28 -8.38
C GLU B 19 -7.46 8.77 -9.66
N GLN B 20 -8.46 9.61 -9.52
CA GLN B 20 -9.29 9.95 -10.67
C GLN B 20 -8.49 10.59 -11.78
N VAL B 21 -7.66 11.57 -11.45
CA VAL B 21 -6.89 12.30 -12.50
C VAL B 21 -5.89 11.37 -13.17
N GLU B 22 -5.48 10.32 -12.47
CA GLU B 22 -4.49 9.34 -13.03
C GLU B 22 -5.17 8.51 -14.11
N LEU B 23 -6.50 8.55 -14.16
CA LEU B 23 -7.23 7.96 -15.31
C LEU B 23 -7.65 9.06 -16.27
N THR B 24 -8.26 10.16 -15.79
CA THR B 24 -8.87 11.10 -16.71
C THR B 24 -7.84 11.95 -17.46
N GLY B 25 -6.72 12.27 -16.83
CA GLY B 25 -5.69 13.00 -17.52
C GLY B 25 -5.14 12.22 -18.70
N PRO B 26 -4.58 11.04 -18.43
CA PRO B 26 -4.10 10.21 -19.56
C PRO B 26 -5.19 9.85 -20.55
N LYS B 27 -6.40 9.61 -20.07
CA LYS B 27 -7.50 9.27 -20.97
C LYS B 27 -7.77 10.39 -21.95
N LYS B 28 -7.83 11.64 -21.46
CA LYS B 28 -8.09 12.76 -22.35
C LYS B 28 -6.96 12.99 -23.33
N ALA B 29 -5.70 12.91 -22.86
CA ALA B 29 -4.57 13.08 -23.77
C ALA B 29 -4.58 12.03 -24.86
N LEU B 30 -4.87 10.78 -24.49
CA LEU B 30 -4.91 9.68 -25.44
C LEU B 30 -6.07 9.84 -26.41
N GLU B 31 -7.24 10.20 -25.91
CA GLU B 31 -8.38 10.45 -26.80
C GLU B 31 -8.13 11.64 -27.71
N ASP B 32 -7.50 12.71 -27.18
CA ASP B 32 -7.18 13.85 -28.04
C ASP B 32 -6.31 13.45 -29.23
N ALA B 33 -5.40 12.50 -29.02
CA ALA B 33 -4.51 12.07 -30.09
C ALA B 33 -5.17 11.08 -31.04
N GLY B 34 -6.43 10.73 -30.78
CA GLY B 34 -7.19 9.86 -31.66
C GLY B 34 -7.38 8.43 -31.18
N ALA B 35 -6.94 8.09 -29.97
CA ALA B 35 -7.08 6.73 -29.51
C ALA B 35 -8.44 6.51 -28.87
N THR B 36 -8.76 5.24 -28.64
CA THR B 36 -9.90 4.85 -27.82
C THR B 36 -9.34 4.35 -26.49
N VAL B 37 -10.03 4.67 -25.40
CA VAL B 37 -9.69 4.16 -24.07
C VAL B 37 -10.93 3.50 -23.51
N ARG B 38 -10.80 2.24 -23.09
CA ARG B 38 -11.84 1.52 -22.37
C ARG B 38 -11.43 1.35 -20.93
N ILE B 39 -12.43 1.28 -20.04
CA ILE B 39 -12.22 1.11 -18.61
C ILE B 39 -12.60 -0.32 -18.24
N LEU B 40 -11.62 -1.08 -17.75
CA LEU B 40 -11.85 -2.43 -17.28
C LEU B 40 -11.75 -2.44 -15.75
N SER B 41 -12.64 -3.18 -15.10
CA SER B 41 -12.63 -3.25 -13.64
C SER B 41 -12.90 -4.68 -13.22
N ASP B 42 -12.89 -4.92 -11.91
CA ASP B 42 -13.11 -6.27 -11.44
C ASP B 42 -14.58 -6.67 -11.57
N LYS B 43 -15.48 -5.72 -11.34
CA LYS B 43 -16.92 -5.94 -11.43
C LYS B 43 -17.53 -5.03 -12.48
N ALA B 44 -18.66 -5.46 -13.02
CA ALA B 44 -19.37 -4.66 -14.00
C ALA B 44 -20.19 -3.56 -13.31
N GLY B 45 -20.58 -2.57 -14.11
CA GLY B 45 -21.35 -1.47 -13.61
C GLY B 45 -20.56 -0.18 -13.66
N GLU B 46 -20.23 0.36 -12.49
CA GLU B 46 -19.47 1.58 -12.37
C GLU B 46 -18.32 1.36 -11.41
N VAL B 47 -17.23 2.10 -11.61
CA VAL B 47 -16.07 2.04 -10.75
C VAL B 47 -15.79 3.45 -10.24
N ARG B 48 -15.45 3.57 -8.95
CA ARG B 48 -15.39 4.88 -8.30
C ARG B 48 -13.96 5.42 -8.25
N GLY B 49 -13.75 6.57 -8.89
CA GLY B 49 -12.50 7.28 -8.73
C GLY B 49 -12.50 8.18 -7.52
N TRP B 50 -11.30 8.62 -7.13
CA TRP B 50 -11.10 9.42 -5.93
C TRP B 50 -10.16 10.58 -6.27
N ASN B 51 -10.35 11.68 -5.56
CA ASN B 51 -9.43 12.81 -5.61
C ASN B 51 -8.70 12.78 -4.26
N HIS B 52 -7.50 12.22 -4.24
CA HIS B 52 -6.71 12.01 -2.99
C HIS B 52 -7.47 11.11 -2.01
N HIS B 53 -7.91 11.66 -0.89
CA HIS B 53 -8.55 10.84 0.15
C HIS B 53 -10.07 11.04 0.20
N GLN B 54 -10.67 11.60 -0.87
CA GLN B 54 -12.11 11.75 -0.93
C GLN B 54 -12.66 11.04 -2.15
N PRO B 55 -13.74 10.27 -2.01
CA PRO B 55 -14.36 9.65 -3.18
C PRO B 55 -14.80 10.71 -4.18
N ALA B 56 -14.62 10.40 -5.46
CA ALA B 56 -14.99 11.34 -6.51
C ALA B 56 -16.04 10.73 -7.42
N GLU B 57 -15.89 10.85 -8.73
CA GLU B 57 -16.97 10.46 -9.64
C GLU B 57 -16.93 8.97 -9.96
N ALA B 58 -18.08 8.45 -10.38
CA ALA B 58 -18.21 7.07 -10.82
C ALA B 58 -18.13 7.01 -12.34
N PHE B 59 -17.42 5.99 -12.83
CA PHE B 59 -17.16 5.81 -14.26
C PHE B 59 -17.76 4.50 -14.73
N ARG B 60 -18.33 4.51 -15.94
CA ARG B 60 -18.93 3.30 -16.47
C ARG B 60 -17.85 2.29 -16.82
N VAL B 61 -18.03 1.06 -16.34
CA VAL B 61 -17.12 -0.03 -16.63
C VAL B 61 -17.45 -0.64 -17.99
N ASP B 62 -16.50 -0.55 -18.92
CA ASP B 62 -16.69 -1.09 -20.26
C ASP B 62 -16.56 -2.61 -20.29
N GLY B 63 -15.81 -3.20 -19.37
CA GLY B 63 -15.62 -4.64 -19.36
C GLY B 63 -14.93 -5.06 -18.07
N THR B 64 -14.95 -6.36 -17.82
CA THR B 64 -14.30 -6.90 -16.63
C THR B 64 -12.96 -7.53 -16.99
N PHE B 65 -12.09 -7.64 -15.98
CA PHE B 65 -10.83 -8.35 -16.18
C PHE B 65 -11.10 -9.78 -16.62
N GLU B 66 -12.07 -10.44 -15.95
CA GLU B 66 -12.46 -11.81 -16.28
C GLU B 66 -12.75 -12.01 -17.75
N ASP B 67 -13.45 -11.05 -18.38
CA ASP B 67 -13.90 -11.16 -19.76
C ASP B 67 -12.91 -10.57 -20.77
N ALA B 68 -11.89 -9.86 -20.32
CA ALA B 68 -11.06 -9.12 -21.25
C ALA B 68 -10.08 -10.04 -21.98
N SER B 69 -9.82 -9.69 -23.25
CA SER B 69 -8.76 -10.28 -24.03
C SER B 69 -7.79 -9.19 -24.44
N LEU B 70 -6.51 -9.41 -24.16
CA LEU B 70 -5.55 -8.43 -24.61
C LEU B 70 -5.35 -8.39 -26.12
N ASP B 71 -5.98 -9.29 -26.90
CA ASP B 71 -5.99 -9.11 -28.36
C ASP B 71 -6.62 -7.79 -28.75
N ASP B 72 -7.51 -7.30 -27.91
CA ASP B 72 -8.31 -6.11 -28.25
C ASP B 72 -7.63 -4.80 -27.86
N TYR B 73 -6.45 -4.88 -27.27
CA TYR B 73 -5.82 -3.64 -26.75
C TYR B 73 -4.35 -3.54 -27.15
N ASP B 74 -3.94 -2.33 -27.48
CA ASP B 74 -2.53 -2.10 -27.86
C ASP B 74 -1.69 -1.81 -26.61
N ALA B 75 -2.34 -1.52 -25.49
CA ALA B 75 -1.61 -1.14 -24.27
C ALA B 75 -2.50 -1.15 -23.05
N LEU B 76 -1.85 -1.14 -21.87
CA LEU B 76 -2.56 -1.03 -20.58
C LEU B 76 -2.18 0.27 -19.88
N LEU B 77 -3.15 0.85 -19.20
CA LEU B 77 -2.90 2.05 -18.35
C LEU B 77 -3.22 1.60 -16.93
N LEU B 78 -2.31 1.86 -16.00
CA LEU B 78 -2.48 1.41 -14.60
C LEU B 78 -2.52 2.68 -13.74
N PRO B 79 -3.68 3.35 -13.55
CA PRO B 79 -3.74 4.49 -12.62
C PRO B 79 -3.45 4.05 -11.19
N GLY B 80 -2.96 5.01 -10.41
CA GLY B 80 -2.72 4.76 -9.01
C GLY B 80 -3.94 4.96 -8.13
N GLY B 81 -3.75 5.65 -7.02
CA GLY B 81 -4.72 5.56 -5.95
C GLY B 81 -4.25 4.43 -5.07
N VAL B 82 -3.84 4.76 -3.84
CA VAL B 82 -3.37 3.71 -2.92
C VAL B 82 -4.43 2.63 -2.71
N ILE B 83 -5.71 3.02 -2.64
CA ILE B 83 -6.77 2.05 -2.37
C ILE B 83 -6.95 1.10 -3.54
N ASN B 84 -7.08 1.64 -4.75
CA ASN B 84 -7.19 0.81 -5.95
C ASN B 84 -5.95 -0.07 -6.10
N SER B 85 -4.77 0.53 -5.91
CA SER B 85 -3.53 -0.18 -6.19
C SER B 85 -3.36 -1.36 -5.22
N ASP B 86 -3.72 -1.15 -3.96
CA ASP B 86 -3.65 -2.23 -2.99
C ASP B 86 -4.64 -3.34 -3.30
N GLN B 87 -5.81 -3.01 -3.84
CA GLN B 87 -6.86 -3.98 -4.16
C GLN B 87 -6.52 -4.76 -5.41
N ILE B 88 -6.11 -4.07 -6.48
CA ILE B 88 -6.01 -4.69 -7.79
C ILE B 88 -4.84 -5.64 -7.87
N ARG B 89 -3.81 -5.42 -7.05
CA ARG B 89 -2.54 -6.12 -7.23
C ARG B 89 -2.69 -7.61 -7.01
N SER B 90 -3.67 -8.03 -6.22
CA SER B 90 -3.91 -9.43 -5.89
C SER B 90 -4.88 -10.12 -6.84
N LEU B 91 -5.45 -9.42 -7.82
CA LEU B 91 -6.45 -10.01 -8.70
C LEU B 91 -5.76 -10.76 -9.84
N ALA B 92 -6.05 -12.07 -9.93
CA ALA B 92 -5.31 -12.92 -10.86
C ALA B 92 -5.51 -12.50 -12.30
N LYS B 93 -6.71 -12.01 -12.66
CA LYS B 93 -6.99 -11.66 -14.05
C LYS B 93 -6.35 -10.32 -14.42
N ALA B 94 -6.23 -9.41 -13.46
CA ALA B 94 -5.45 -8.18 -13.70
C ALA B 94 -3.98 -8.52 -13.90
N GLN B 95 -3.43 -9.39 -13.05
CA GLN B 95 -2.07 -9.88 -13.23
C GLN B 95 -1.90 -10.53 -14.60
N GLU B 96 -2.87 -11.36 -15.00
CA GLU B 96 -2.76 -12.05 -16.28
C GLU B 96 -2.74 -11.06 -17.44
N LEU B 97 -3.56 -10.02 -17.38
CA LEU B 97 -3.53 -8.98 -18.41
C LEU B 97 -2.16 -8.31 -18.48
N ALA B 98 -1.56 -8.01 -17.32
CA ALA B 98 -0.25 -7.37 -17.33
C ALA B 98 0.82 -8.34 -17.83
N ILE B 99 0.70 -9.62 -17.47
CA ILE B 99 1.67 -10.61 -17.93
C ILE B 99 1.56 -10.78 -19.43
N ARG B 100 0.34 -10.90 -19.95
CA ARG B 100 0.13 -11.00 -21.39
C ARG B 100 0.66 -9.79 -22.13
N ALA B 101 0.57 -8.59 -21.53
CA ALA B 101 1.12 -7.42 -22.20
C ALA B 101 2.62 -7.52 -22.35
N GLU B 102 3.30 -8.05 -21.32
CA GLU B 102 4.75 -8.21 -21.40
C GLU B 102 5.12 -9.22 -22.48
N GLN B 103 4.46 -10.38 -22.48
CA GLN B 103 4.73 -11.41 -23.49
C GLN B 103 4.50 -10.87 -24.90
N ALA B 104 3.51 -10.01 -25.07
CA ALA B 104 3.15 -9.49 -26.38
C ALA B 104 3.86 -8.20 -26.75
N SER B 105 4.84 -7.78 -25.95
CA SER B 105 5.54 -6.49 -26.18
C SER B 105 4.53 -5.37 -26.39
N LYS B 106 3.59 -5.22 -25.46
CA LYS B 106 2.62 -4.12 -25.54
C LYS B 106 2.92 -3.16 -24.39
N PRO B 107 2.83 -1.85 -24.63
CA PRO B 107 3.09 -0.88 -23.59
C PRO B 107 2.23 -0.98 -22.32
N VAL B 108 2.89 -0.75 -21.19
CA VAL B 108 2.17 -0.65 -19.90
C VAL B 108 2.59 0.71 -19.33
N ALA B 109 1.62 1.57 -19.09
CA ALA B 109 1.88 2.89 -18.49
C ALA B 109 1.35 2.86 -17.07
N VAL B 110 2.22 3.17 -16.11
CA VAL B 110 1.83 3.03 -14.69
C VAL B 110 2.21 4.28 -13.92
N ILE B 111 1.43 4.60 -12.89
CA ILE B 111 1.67 5.89 -12.21
C ILE B 111 1.36 5.79 -10.71
N CYS B 112 2.26 6.34 -9.89
CA CYS B 112 2.02 6.50 -8.44
C CYS B 112 2.09 5.18 -7.64
N HIS B 113 0.94 4.69 -7.11
CA HIS B 113 0.95 3.39 -6.39
C HIS B 113 0.66 2.22 -7.33
N GLY B 114 0.41 2.50 -8.60
CA GLY B 114 -0.06 1.46 -9.53
C GLY B 114 0.89 0.32 -9.84
N ALA B 115 2.14 0.41 -9.45
CA ALA B 115 3.10 -0.64 -9.86
C ALA B 115 3.01 -1.85 -8.96
N TRP B 116 2.20 -1.76 -7.90
CA TRP B 116 2.05 -2.96 -7.09
C TRP B 116 1.50 -4.13 -7.90
N LEU B 117 0.58 -3.85 -8.82
CA LEU B 117 0.13 -4.91 -9.73
C LEU B 117 1.30 -5.53 -10.47
N LEU B 118 2.25 -4.70 -10.92
CA LEU B 118 3.40 -5.23 -11.66
C LEU B 118 4.30 -6.08 -10.78
N ILE B 119 4.53 -5.64 -9.53
N ILE B 119 4.52 -5.68 -9.52
CA ILE B 119 5.30 -6.43 -8.55
CA ILE B 119 5.37 -6.51 -8.67
C ILE B 119 4.65 -7.79 -8.35
C ILE B 119 4.68 -7.82 -8.29
N SER B 120 3.35 -7.79 -8.09
CA SER B 120 2.66 -9.03 -7.74
C SER B 120 2.47 -9.95 -8.94
N ALA B 121 2.40 -9.40 -10.15
CA ALA B 121 2.39 -10.20 -11.36
C ALA B 121 3.75 -10.79 -11.69
N GLY B 122 4.79 -10.46 -10.92
CA GLY B 122 6.12 -10.95 -11.18
C GLY B 122 6.85 -10.25 -12.31
N LEU B 123 6.53 -8.98 -12.58
CA LEU B 123 6.98 -8.29 -13.78
C LEU B 123 8.01 -7.19 -13.55
N VAL B 124 8.39 -6.87 -12.32
CA VAL B 124 9.34 -5.76 -12.15
C VAL B 124 10.78 -6.22 -12.03
N GLN B 125 11.02 -7.52 -11.88
CA GLN B 125 12.36 -8.04 -11.70
C GLN B 125 13.21 -7.69 -12.90
N GLY B 126 14.32 -6.99 -12.67
CA GLY B 126 15.21 -6.58 -13.73
C GLY B 126 14.77 -5.36 -14.52
N ARG B 127 13.62 -4.77 -14.21
CA ARG B 127 13.12 -3.63 -14.95
C ARG B 127 13.35 -2.33 -14.19
N THR B 128 13.54 -1.26 -14.94
CA THR B 128 13.69 0.09 -14.41
C THR B 128 12.34 0.79 -14.44
N LEU B 129 11.94 1.36 -13.31
CA LEU B 129 10.70 2.12 -13.27
C LEU B 129 10.80 3.10 -12.13
N THR B 130 9.88 4.05 -12.14
CA THR B 130 9.72 4.98 -11.02
C THR B 130 8.34 4.74 -10.41
N SER B 131 8.02 5.47 -9.34
CA SER B 131 6.71 5.33 -8.65
C SER B 131 6.62 6.38 -7.57
N TRP B 132 5.50 6.40 -6.90
CA TRP B 132 5.40 7.20 -5.67
C TRP B 132 6.46 6.63 -4.74
N PRO B 133 7.19 7.46 -4.00
CA PRO B 133 8.30 6.93 -3.21
C PRO B 133 7.96 5.88 -2.13
N SER B 134 6.71 5.82 -1.72
CA SER B 134 6.31 4.79 -0.75
C SER B 134 6.54 3.39 -1.33
N LEU B 135 6.53 3.24 -2.65
CA LEU B 135 6.63 1.90 -3.28
C LEU B 135 8.08 1.56 -3.59
N LYS B 136 8.98 2.50 -3.31
CA LYS B 136 10.40 2.31 -3.70
C LYS B 136 10.95 1.01 -3.10
N ASP B 137 10.71 0.80 -1.81
CA ASP B 137 11.27 -0.39 -1.18
C ASP B 137 10.67 -1.65 -1.75
N ASP B 138 9.36 -1.64 -2.01
CA ASP B 138 8.70 -2.82 -2.55
C ASP B 138 9.22 -3.15 -3.94
N ILE B 139 9.42 -2.13 -4.76
CA ILE B 139 9.96 -2.35 -6.10
C ILE B 139 11.39 -2.86 -6.04
N ASN B 140 12.22 -2.25 -5.20
CA ASN B 140 13.60 -2.70 -5.10
C ASN B 140 13.66 -4.10 -4.50
N ASN B 141 12.82 -4.40 -3.52
CA ASN B 141 12.81 -5.73 -2.94
C ASN B 141 12.32 -6.77 -3.94
N ALA B 142 11.42 -6.38 -4.83
CA ALA B 142 10.92 -7.30 -5.85
C ALA B 142 11.92 -7.55 -6.97
N GLY B 143 13.07 -6.91 -6.95
CA GLY B 143 14.05 -7.01 -8.00
C GLY B 143 14.03 -5.90 -9.02
N GLY B 144 13.17 -4.89 -8.83
CA GLY B 144 13.14 -3.78 -9.76
C GLY B 144 14.31 -2.82 -9.58
N HIS B 145 14.51 -1.99 -10.56
CA HIS B 145 15.51 -0.92 -10.50
C HIS B 145 14.77 0.39 -10.35
N TRP B 146 14.53 0.81 -9.10
CA TRP B 146 13.78 2.02 -8.86
C TRP B 146 14.64 3.25 -9.13
N VAL B 147 14.10 4.17 -9.92
CA VAL B 147 14.74 5.44 -10.24
C VAL B 147 13.73 6.53 -9.95
N ASP B 148 14.26 7.74 -9.73
CA ASP B 148 13.46 8.92 -9.41
C ASP B 148 13.43 9.76 -10.68
N GLN B 149 12.38 9.61 -11.47
CA GLN B 149 12.29 10.34 -12.73
C GLN B 149 10.85 10.75 -12.93
N GLU B 150 10.64 11.92 -13.53
CA GLU B 150 9.28 12.34 -13.87
C GLU B 150 8.60 11.30 -14.75
N VAL B 151 9.31 10.77 -15.75
CA VAL B 151 8.83 9.65 -16.55
C VAL B 151 9.98 8.70 -16.83
N ALA B 152 9.88 7.48 -16.35
CA ALA B 152 10.88 6.47 -16.62
C ALA B 152 10.39 5.61 -17.78
N VAL B 153 11.34 5.11 -18.57
CA VAL B 153 11.03 4.17 -19.63
C VAL B 153 12.02 3.02 -19.58
N ASP B 154 11.49 1.79 -19.63
CA ASP B 154 12.28 0.58 -19.84
C ASP B 154 11.57 -0.17 -20.96
N GLY B 155 12.10 -0.14 -22.17
CA GLY B 155 11.38 -0.76 -23.30
C GLY B 155 10.05 -0.06 -23.49
N LYS B 156 8.97 -0.79 -23.23
CA LYS B 156 7.61 -0.22 -23.36
C LYS B 156 6.96 -0.06 -21.98
N LEU B 157 7.78 -0.20 -20.94
CA LEU B 157 7.25 0.08 -19.59
C LEU B 157 7.44 1.57 -19.31
N VAL B 158 6.34 2.29 -19.17
CA VAL B 158 6.35 3.75 -18.94
C VAL B 158 5.83 4.02 -17.53
N SER B 159 6.63 4.71 -16.74
CA SER B 159 6.25 4.91 -15.33
C SER B 159 6.40 6.36 -14.88
N SER B 160 5.50 6.77 -13.98
CA SER B 160 5.53 8.14 -13.40
C SER B 160 5.23 8.05 -11.89
N ARG B 161 5.47 9.13 -11.14
CA ARG B 161 5.40 9.03 -9.66
C ARG B 161 4.19 9.69 -9.02
N LYS B 162 3.59 10.66 -9.69
CA LYS B 162 2.55 11.46 -9.02
C LYS B 162 1.77 12.26 -10.04
N PRO B 163 0.61 12.83 -9.66
CA PRO B 163 -0.22 13.59 -10.58
C PRO B 163 0.48 14.75 -11.32
N GLU B 164 1.45 15.38 -10.67
CA GLU B 164 2.14 16.46 -11.36
C GLU B 164 2.92 15.97 -12.58
N ASP B 165 3.29 14.69 -12.61
CA ASP B 165 4.02 14.13 -13.73
C ASP B 165 3.13 13.85 -14.91
N ILE B 166 1.81 13.98 -14.76
CA ILE B 166 0.88 13.47 -15.80
C ILE B 166 1.15 14.05 -17.18
N PRO B 167 1.37 15.36 -17.34
CA PRO B 167 1.62 15.89 -18.70
C PRO B 167 2.80 15.25 -19.41
N ALA B 168 3.94 15.09 -18.75
CA ALA B 168 5.07 14.41 -19.36
C ALA B 168 4.79 12.93 -19.56
N PHE B 169 4.10 12.32 -18.60
CA PHE B 169 3.67 10.92 -18.72
C PHE B 169 2.85 10.71 -19.97
N ASN B 170 1.87 11.57 -20.21
CA ASN B 170 1.00 11.48 -21.37
C ASN B 170 1.81 11.56 -22.65
N ARG B 171 2.70 12.56 -22.73
CA ARG B 171 3.53 12.76 -23.91
C ARG B 171 4.39 11.53 -24.17
N ARG B 172 5.02 10.98 -23.15
CA ARG B 172 5.89 9.80 -23.35
C ARG B 172 5.09 8.55 -23.72
N PHE B 173 3.95 8.34 -23.07
CA PHE B 173 3.08 7.18 -23.38
C PHE B 173 2.64 7.25 -24.84
N ILE B 174 2.25 8.43 -25.28
CA ILE B 174 1.88 8.61 -26.71
C ILE B 174 3.06 8.29 -27.63
N GLU B 175 4.26 8.78 -27.33
CA GLU B 175 5.41 8.39 -28.15
C GLU B 175 5.60 6.88 -28.17
N ILE B 176 5.46 6.20 -27.04
CA ILE B 176 5.76 4.74 -26.96
C ILE B 176 4.67 3.91 -27.66
N LEU B 177 3.43 4.37 -27.55
CA LEU B 177 2.30 3.65 -28.18
C LEU B 177 2.46 3.71 -29.70
N ALA B 178 2.90 4.84 -30.21
CA ALA B 178 3.03 5.02 -31.66
C ALA B 178 4.22 4.23 -32.21
N GLY B 179 5.23 4.23 -31.53
N GLY B 179 5.23 4.22 -31.52
CA GLY B 179 6.37 3.45 -31.96
CA GLY B 179 6.37 3.43 -31.96
C GLY B 179 7.16 4.10 -33.08
C GLY B 179 7.14 4.08 -33.08
#